data_3FPD
#
_entry.id   3FPD
#
_cell.length_a   75.300
_cell.length_b   95.200
_cell.length_c   101.700
_cell.angle_alpha   90.00
_cell.angle_beta   90.00
_cell.angle_gamma   90.00
#
_symmetry.space_group_name_H-M   'P 21 21 21'
#
loop_
_entity.id
_entity.type
_entity.pdbx_description
1 polymer 'Histone-lysine N-methyltransferase, H3 lysine-9 specific 5'
2 non-polymer S-ADENOSYL-L-HOMOCYSTEINE
3 non-polymer N-(1-benzylpiperidin-4-yl)-6,7-dimethoxy-2-(4-methyl-1,4-diazepan-1-yl)quinazolin-4-amine
4 non-polymer 'ZINC ION'
5 water water
#
_entity_poly.entity_id   1
_entity_poly.type   'polypeptide(L)'
_entity_poly.pdbx_seq_one_letter_code
;VERIVSRDIARGYERIPIPCVNAVDSEPCPSNYKYVSQNCVTSPMNIDRNITHLQYCVCIDDCSSSNCMCGQLSMRCWYD
KDGRLLPEFNMAEPPLIFECNHACSCWRNCRNRVVQNGLRARLQLYRTRDMGWGVRSLQDIPPGTFVCEYVGELISDSEA
DVREEDSYLFDLDNKDGEVYCIDARFYGNVSRFINHHCEPNLVPVRVFMAHQDLRFPRIAFFSTRLIEAGEQLGFDYGER
FWDIKGKLFSCRCGSPKCRHS
;
_entity_poly.pdbx_strand_id   A,B
#
loop_
_chem_comp.id
_chem_comp.type
_chem_comp.name
_chem_comp.formula
Q4A non-polymer N-(1-benzylpiperidin-4-yl)-6,7-dimethoxy-2-(4-methyl-1,4-diazepan-1-yl)quinazolin-4-amine 'C28 H38 N6 O2'
ZN non-polymer 'ZINC ION' 'Zn 2'
#
# COMPACT_ATOMS: atom_id res chain seq x y z
N VAL A 1 18.20 27.76 -21.29
CA VAL A 1 19.05 27.17 -20.21
C VAL A 1 18.19 26.80 -19.01
N GLU A 2 17.85 25.52 -18.89
CA GLU A 2 17.02 25.04 -17.79
C GLU A 2 17.86 24.47 -16.65
N ARG A 3 17.67 25.05 -15.47
CA ARG A 3 18.38 24.62 -14.28
C ARG A 3 17.55 23.56 -13.55
N ILE A 4 18.22 22.56 -12.99
CA ILE A 4 17.55 21.49 -12.26
C ILE A 4 17.30 21.92 -10.82
N VAL A 5 16.05 22.21 -10.48
CA VAL A 5 15.72 22.64 -9.13
C VAL A 5 15.34 21.50 -8.18
N SER A 6 15.42 20.26 -8.66
CA SER A 6 15.12 19.08 -7.85
C SER A 6 15.33 17.80 -8.62
N ARG A 7 15.95 16.81 -7.97
CA ARG A 7 16.19 15.53 -8.63
C ARG A 7 14.93 14.66 -8.63
N ASP A 8 14.00 14.98 -7.74
CA ASP A 8 12.75 14.23 -7.62
C ASP A 8 11.85 14.78 -6.52
N ILE A 9 10.77 15.43 -6.92
CA ILE A 9 9.83 16.04 -5.97
C ILE A 9 9.12 15.01 -5.09
N ALA A 10 9.05 13.76 -5.55
CA ALA A 10 8.38 12.71 -4.78
C ALA A 10 9.28 12.12 -3.72
N ARG A 11 10.58 12.40 -3.83
CA ARG A 11 11.55 11.91 -2.86
C ARG A 11 11.58 10.41 -2.74
N GLY A 12 11.59 9.74 -3.89
CA GLY A 12 11.64 8.29 -3.92
C GLY A 12 10.34 7.55 -3.72
N TYR A 13 9.24 8.26 -3.48
CA TYR A 13 7.96 7.58 -3.26
C TYR A 13 7.29 6.97 -4.49
N GLU A 14 7.71 7.38 -5.68
CA GLU A 14 7.18 6.85 -6.93
C GLU A 14 8.16 5.79 -7.46
N ARG A 15 7.77 5.02 -8.46
CA ARG A 15 8.66 3.98 -9.00
C ARG A 15 9.79 4.63 -9.75
N ILE A 16 9.55 5.83 -10.24
CA ILE A 16 10.56 6.58 -10.96
C ILE A 16 10.57 8.02 -10.43
N PRO A 17 11.75 8.66 -10.41
CA PRO A 17 11.82 10.03 -9.92
C PRO A 17 11.13 11.03 -10.85
N ILE A 18 10.68 12.15 -10.28
CA ILE A 18 10.02 13.19 -11.04
C ILE A 18 10.76 14.51 -10.77
N PRO A 19 11.76 14.81 -11.61
CA PRO A 19 12.57 16.02 -11.51
C PRO A 19 11.76 17.29 -11.77
N CYS A 20 12.34 18.41 -11.38
CA CYS A 20 11.72 19.71 -11.60
C CYS A 20 12.78 20.56 -12.26
N VAL A 21 12.38 21.34 -13.26
CA VAL A 21 13.33 22.20 -13.97
C VAL A 21 12.71 23.56 -14.21
N ASN A 22 13.59 24.56 -14.35
CA ASN A 22 13.14 25.91 -14.61
C ASN A 22 14.04 26.50 -15.69
N ALA A 23 13.42 27.17 -16.66
CA ALA A 23 14.16 27.80 -17.76
C ALA A 23 13.31 28.97 -18.24
N VAL A 24 12.56 29.55 -17.31
CA VAL A 24 11.69 30.67 -17.58
C VAL A 24 11.96 31.82 -16.62
N ASP A 25 12.01 31.50 -15.34
CA ASP A 25 12.27 32.53 -14.33
C ASP A 25 13.18 32.03 -13.22
N SER A 26 13.10 32.69 -12.07
CA SER A 26 13.91 32.36 -10.92
C SER A 26 13.12 31.64 -9.82
N GLU A 27 11.88 31.30 -10.11
CA GLU A 27 11.04 30.60 -9.15
C GLU A 27 11.68 29.26 -8.77
N PRO A 28 11.80 28.99 -7.45
CA PRO A 28 12.39 27.74 -6.97
C PRO A 28 11.38 26.60 -7.04
N CYS A 29 11.87 25.37 -6.86
CA CYS A 29 11.00 24.21 -6.87
C CYS A 29 9.89 24.44 -5.85
N PRO A 30 8.63 24.23 -6.26
CA PRO A 30 7.48 24.44 -5.36
C PRO A 30 7.64 23.66 -4.06
N SER A 31 7.22 24.26 -2.95
CA SER A 31 7.35 23.61 -1.65
C SER A 31 6.28 24.00 -0.65
N ASN A 32 5.30 24.79 -1.08
CA ASN A 32 4.24 25.22 -0.19
C ASN A 32 3.12 24.19 -0.18
N TYR A 33 3.52 22.92 -0.07
CA TYR A 33 2.59 21.79 -0.03
C TYR A 33 3.42 20.57 0.33
N LYS A 34 2.75 19.45 0.58
CA LYS A 34 3.42 18.19 0.93
C LYS A 34 3.14 17.13 -0.13
N TYR A 35 4.19 16.50 -0.64
CA TYR A 35 4.01 15.46 -1.65
C TYR A 35 3.62 14.12 -1.04
N VAL A 36 2.51 13.57 -1.51
CA VAL A 36 2.04 12.26 -1.07
C VAL A 36 1.75 11.51 -2.36
N SER A 37 2.20 10.27 -2.46
CA SER A 37 1.96 9.48 -3.65
C SER A 37 0.61 8.75 -3.56
N GLN A 38 -0.07 8.88 -2.43
CA GLN A 38 -1.36 8.23 -2.22
C GLN A 38 -2.33 9.15 -1.50
N ASN A 39 -3.62 8.95 -1.75
CA ASN A 39 -4.65 9.76 -1.13
C ASN A 39 -4.59 9.64 0.39
N CYS A 40 -4.85 10.74 1.06
CA CYS A 40 -4.82 10.76 2.52
C CYS A 40 -6.07 11.48 3.01
N VAL A 41 -6.22 11.59 4.32
CA VAL A 41 -7.38 12.27 4.86
C VAL A 41 -7.03 12.99 6.15
N THR A 42 -7.84 13.99 6.48
CA THR A 42 -7.69 14.76 7.71
C THR A 42 -8.86 14.28 8.53
N SER A 43 -10.03 14.84 8.26
CA SER A 43 -11.24 14.40 8.95
C SER A 43 -11.45 12.95 8.49
N PRO A 44 -11.82 12.05 9.41
CA PRO A 44 -12.05 10.63 9.08
C PRO A 44 -13.13 10.38 8.02
N MET A 45 -12.80 9.51 7.05
CA MET A 45 -13.74 9.16 5.99
C MET A 45 -14.21 7.74 6.28
N ASN A 46 -15.52 7.52 6.23
CA ASN A 46 -16.09 6.21 6.50
C ASN A 46 -16.02 5.25 5.33
N ILE A 47 -14.87 5.17 4.68
CA ILE A 47 -14.69 4.27 3.55
C ILE A 47 -14.94 2.83 3.98
N ASP A 48 -15.77 2.11 3.23
CA ASP A 48 -16.05 0.73 3.58
C ASP A 48 -14.85 -0.12 3.24
N ARG A 49 -14.23 -0.68 4.27
CA ARG A 49 -13.05 -1.53 4.11
C ARG A 49 -13.38 -2.99 4.40
N ASN A 50 -14.64 -3.30 4.64
CA ASN A 50 -15.03 -4.69 4.95
C ASN A 50 -14.65 -5.62 3.80
N ILE A 51 -13.61 -6.41 4.00
CA ILE A 51 -13.13 -7.33 2.97
C ILE A 51 -14.19 -8.30 2.43
N THR A 52 -15.26 -8.52 3.19
CA THR A 52 -16.30 -9.43 2.70
C THR A 52 -17.32 -8.70 1.83
N HIS A 53 -17.19 -7.38 1.73
CA HIS A 53 -18.10 -6.59 0.91
C HIS A 53 -17.53 -6.48 -0.50
N LEU A 54 -16.27 -6.86 -0.64
CA LEU A 54 -15.62 -6.83 -1.93
C LEU A 54 -16.21 -7.84 -2.89
N GLN A 55 -16.43 -7.43 -4.13
CA GLN A 55 -16.91 -8.35 -5.14
C GLN A 55 -15.59 -8.81 -5.77
N TYR A 56 -15.49 -10.07 -6.20
CA TYR A 56 -14.23 -10.55 -6.76
C TYR A 56 -14.37 -11.71 -7.72
N CYS A 57 -13.29 -12.01 -8.43
CA CYS A 57 -13.29 -13.10 -9.40
C CYS A 57 -12.63 -14.37 -8.87
N VAL A 58 -13.00 -15.49 -9.45
CA VAL A 58 -12.45 -16.77 -9.05
C VAL A 58 -11.75 -17.43 -10.24
N CYS A 59 -11.21 -16.60 -11.11
CA CYS A 59 -10.51 -17.08 -12.30
C CYS A 59 -9.33 -17.96 -11.91
N ILE A 60 -8.96 -18.86 -12.82
CA ILE A 60 -7.83 -19.75 -12.61
C ILE A 60 -6.80 -19.42 -13.68
N ASP A 61 -7.11 -18.40 -14.47
CA ASP A 61 -6.21 -17.96 -15.55
C ASP A 61 -5.65 -16.57 -15.27
N ASP A 62 -5.33 -15.84 -16.32
CA ASP A 62 -4.79 -14.49 -16.19
C ASP A 62 -5.88 -13.43 -16.35
N CYS A 63 -7.14 -13.86 -16.23
CA CYS A 63 -8.28 -12.95 -16.33
C CYS A 63 -8.52 -12.34 -17.70
N SER A 64 -8.39 -13.15 -18.74
CA SER A 64 -8.60 -12.69 -20.09
C SER A 64 -9.96 -13.19 -20.59
N SER A 65 -10.58 -14.11 -19.84
CA SER A 65 -11.87 -14.66 -20.24
C SER A 65 -13.04 -13.79 -19.80
N SER A 66 -14.17 -13.97 -20.47
CA SER A 66 -15.38 -13.21 -20.18
C SER A 66 -16.05 -13.67 -18.89
N ASN A 67 -15.46 -14.67 -18.23
CA ASN A 67 -16.02 -15.17 -17.00
C ASN A 67 -15.54 -14.40 -15.77
N CYS A 68 -14.45 -13.65 -15.94
CA CYS A 68 -13.90 -12.85 -14.85
C CYS A 68 -14.93 -11.86 -14.31
N MET A 69 -15.34 -12.07 -13.06
CA MET A 69 -16.31 -11.19 -12.41
C MET A 69 -15.88 -9.74 -12.51
N CYS A 70 -14.60 -9.49 -12.24
CA CYS A 70 -14.06 -8.14 -12.28
C CYS A 70 -14.21 -7.51 -13.66
N GLY A 71 -13.97 -8.29 -14.70
CA GLY A 71 -14.16 -7.74 -16.04
C GLY A 71 -15.64 -7.41 -16.23
N GLN A 72 -16.52 -8.30 -15.76
CA GLN A 72 -17.95 -8.06 -15.89
C GLN A 72 -18.35 -6.78 -15.16
N LEU A 73 -17.80 -6.56 -13.98
CA LEU A 73 -18.10 -5.38 -13.19
C LEU A 73 -17.70 -4.13 -13.95
N SER A 74 -16.68 -4.25 -14.79
CA SER A 74 -16.19 -3.13 -15.59
C SER A 74 -16.85 -3.17 -16.97
N MET A 75 -17.89 -3.99 -17.10
CA MET A 75 -18.62 -4.23 -18.35
C MET A 75 -17.79 -5.25 -19.11
N ARG A 76 -16.47 -5.11 -18.99
CA ARG A 76 -15.50 -6.02 -19.59
C ARG A 76 -14.10 -5.46 -19.30
N CYS A 77 -13.08 -6.31 -19.35
CA CYS A 77 -11.72 -5.84 -19.10
C CYS A 77 -11.28 -4.98 -20.27
N TRP A 78 -10.89 -3.75 -19.98
CA TRP A 78 -10.49 -2.80 -21.01
C TRP A 78 -9.00 -2.74 -21.30
N TYR A 79 -8.22 -3.57 -20.61
CA TYR A 79 -6.79 -3.55 -20.82
C TYR A 79 -6.33 -4.64 -21.76
N ASP A 80 -5.37 -4.33 -22.63
CA ASP A 80 -4.82 -5.32 -23.53
C ASP A 80 -3.64 -5.95 -22.78
N LYS A 81 -2.83 -6.74 -23.46
CA LYS A 81 -1.70 -7.40 -22.82
C LYS A 81 -0.64 -6.45 -22.22
N ASP A 82 -0.54 -5.25 -22.76
CA ASP A 82 0.45 -4.28 -22.28
C ASP A 82 -0.06 -3.32 -21.22
N GLY A 83 -1.28 -3.56 -20.73
CA GLY A 83 -1.83 -2.68 -19.72
C GLY A 83 -2.44 -1.41 -20.29
N ARG A 84 -2.66 -1.39 -21.60
CA ARG A 84 -3.26 -0.23 -22.24
C ARG A 84 -4.73 -0.46 -22.56
N LEU A 85 -5.48 0.62 -22.61
CA LEU A 85 -6.91 0.58 -22.90
C LEU A 85 -7.23 0.16 -24.34
N LEU A 86 -8.21 -0.71 -24.50
CA LEU A 86 -8.62 -1.18 -25.83
C LEU A 86 -9.19 0.01 -26.63
N PRO A 87 -9.03 -0.02 -27.97
CA PRO A 87 -9.54 1.06 -28.83
C PRO A 87 -11.02 1.36 -28.66
N GLU A 88 -11.83 0.32 -28.42
CA GLU A 88 -13.26 0.50 -28.24
C GLU A 88 -13.61 1.06 -26.86
N PHE A 89 -12.69 1.83 -26.28
CA PHE A 89 -12.89 2.43 -24.97
C PHE A 89 -13.47 3.83 -25.22
N ASN A 90 -14.62 4.10 -24.61
CA ASN A 90 -15.30 5.38 -24.79
C ASN A 90 -14.59 6.52 -24.03
N MET A 91 -13.60 7.13 -24.65
CA MET A 91 -12.85 8.22 -24.03
C MET A 91 -13.72 9.39 -23.63
N ALA A 92 -14.77 9.64 -24.41
CA ALA A 92 -15.69 10.75 -24.15
C ALA A 92 -16.71 10.47 -23.04
N GLU A 93 -16.85 9.21 -22.66
CA GLU A 93 -17.79 8.84 -21.61
C GLU A 93 -17.28 7.53 -21.01
N PRO A 94 -16.17 7.62 -20.26
CA PRO A 94 -15.52 6.47 -19.61
C PRO A 94 -16.36 5.67 -18.62
N PRO A 95 -16.24 4.33 -18.66
CA PRO A 95 -16.97 3.46 -17.74
C PRO A 95 -16.14 3.38 -16.47
N LEU A 96 -16.66 2.76 -15.43
CA LEU A 96 -15.90 2.62 -14.21
C LEU A 96 -15.06 1.37 -14.39
N ILE A 97 -13.79 1.44 -14.00
CA ILE A 97 -12.93 0.27 -14.10
C ILE A 97 -12.75 -0.39 -12.74
N PHE A 98 -13.02 -1.68 -12.68
CA PHE A 98 -12.87 -2.48 -11.44
C PHE A 98 -11.71 -3.44 -11.66
N GLU A 99 -10.55 -3.11 -11.09
CA GLU A 99 -9.37 -3.95 -11.23
C GLU A 99 -9.44 -5.08 -10.21
N CYS A 100 -8.75 -6.18 -10.51
CA CYS A 100 -8.70 -7.30 -9.59
C CYS A 100 -8.10 -6.85 -8.28
N ASN A 101 -8.54 -7.46 -7.18
CA ASN A 101 -8.05 -7.10 -5.86
C ASN A 101 -7.53 -8.31 -5.08
N HIS A 102 -7.09 -8.06 -3.86
CA HIS A 102 -6.55 -9.10 -2.98
C HIS A 102 -7.55 -10.21 -2.62
N ALA A 103 -8.83 -10.01 -2.93
CA ALA A 103 -9.84 -11.02 -2.64
C ALA A 103 -9.98 -12.01 -3.80
N CYS A 104 -9.52 -11.61 -4.98
CA CYS A 104 -9.57 -12.45 -6.18
C CYS A 104 -8.64 -13.64 -6.07
N SER A 105 -9.02 -14.75 -6.69
CA SER A 105 -8.22 -15.97 -6.66
C SER A 105 -7.06 -15.88 -7.64
N CYS A 106 -7.07 -14.86 -8.51
CA CYS A 106 -6.02 -14.68 -9.50
C CYS A 106 -4.69 -14.24 -8.88
N TRP A 107 -3.65 -14.24 -9.70
CA TRP A 107 -2.32 -13.84 -9.27
C TRP A 107 -2.13 -12.32 -9.36
N ARG A 108 -1.13 -11.81 -8.66
CA ARG A 108 -0.87 -10.38 -8.65
C ARG A 108 -0.46 -9.83 -10.02
N ASN A 109 -0.15 -10.72 -10.96
CA ASN A 109 0.24 -10.26 -12.30
C ASN A 109 -0.82 -10.52 -13.37
N CYS A 110 -2.06 -10.78 -12.95
CA CYS A 110 -3.14 -11.02 -13.90
C CYS A 110 -3.33 -9.76 -14.76
N ARG A 111 -4.11 -9.89 -15.83
CA ARG A 111 -4.35 -8.80 -16.77
C ARG A 111 -5.11 -7.58 -16.25
N ASN A 112 -6.06 -7.80 -15.35
CA ASN A 112 -6.90 -6.73 -14.83
C ASN A 112 -6.29 -5.93 -13.70
N ARG A 113 -5.02 -5.56 -13.85
CA ARG A 113 -4.30 -4.78 -12.84
C ARG A 113 -3.35 -3.82 -13.57
N VAL A 114 -3.61 -2.53 -13.49
CA VAL A 114 -2.76 -1.54 -14.15
C VAL A 114 -2.47 -0.32 -13.28
N VAL A 115 -3.53 0.39 -12.91
CA VAL A 115 -3.38 1.58 -12.08
C VAL A 115 -2.71 1.18 -10.77
N GLN A 116 -3.08 0.03 -10.23
CA GLN A 116 -2.51 -0.43 -8.96
C GLN A 116 -1.00 -0.68 -8.99
N ASN A 117 -0.39 -0.66 -10.17
CA ASN A 117 1.04 -0.87 -10.27
C ASN A 117 1.81 0.44 -10.22
N GLY A 118 1.09 1.55 -10.07
CA GLY A 118 1.75 2.85 -9.98
C GLY A 118 2.30 3.47 -11.24
N LEU A 119 3.00 4.58 -11.04
CA LEU A 119 3.63 5.36 -12.12
C LEU A 119 4.72 4.60 -12.86
N ARG A 120 4.64 4.59 -14.18
CA ARG A 120 5.62 3.90 -15.02
C ARG A 120 6.09 4.78 -16.18
N ALA A 121 5.73 6.05 -16.13
CA ALA A 121 6.12 7.00 -17.18
C ALA A 121 7.08 8.05 -16.62
N ARG A 122 8.12 8.38 -17.38
CA ARG A 122 9.07 9.38 -16.93
C ARG A 122 8.52 10.78 -17.18
N LEU A 123 7.98 11.38 -16.13
CA LEU A 123 7.41 12.71 -16.21
C LEU A 123 8.37 13.77 -15.67
N GLN A 124 7.97 15.03 -15.75
CA GLN A 124 8.82 16.12 -15.28
C GLN A 124 8.06 17.38 -14.99
N LEU A 125 8.30 17.94 -13.81
CA LEU A 125 7.65 19.17 -13.42
C LEU A 125 8.54 20.28 -14.01
N TYR A 126 7.96 21.13 -14.84
CA TYR A 126 8.73 22.20 -15.46
C TYR A 126 8.00 23.52 -15.44
N ARG A 127 8.76 24.60 -15.58
CA ARG A 127 8.20 25.94 -15.56
C ARG A 127 7.79 26.38 -16.97
N THR A 128 6.53 26.75 -17.12
CA THR A 128 6.01 27.20 -18.41
C THR A 128 6.20 28.73 -18.52
N ARG A 129 5.69 29.30 -19.60
CA ARG A 129 5.80 30.73 -19.82
C ARG A 129 4.62 31.52 -19.24
N ASP A 130 3.42 30.98 -19.39
CA ASP A 130 2.22 31.65 -18.90
C ASP A 130 1.48 31.00 -17.74
N MET A 131 1.25 29.70 -17.84
CA MET A 131 0.53 28.96 -16.81
C MET A 131 1.33 28.61 -15.57
N GLY A 132 2.59 29.03 -15.52
CA GLY A 132 3.41 28.74 -14.37
C GLY A 132 4.01 27.34 -14.45
N TRP A 133 3.79 26.54 -13.41
CA TRP A 133 4.32 25.19 -13.41
C TRP A 133 3.41 24.26 -14.20
N GLY A 134 4.04 23.30 -14.88
CA GLY A 134 3.31 22.34 -15.66
C GLY A 134 4.02 21.00 -15.58
N VAL A 135 3.43 19.97 -16.19
CA VAL A 135 4.04 18.65 -16.20
C VAL A 135 4.17 18.19 -17.66
N ARG A 136 5.28 17.55 -17.98
CA ARG A 136 5.51 17.02 -19.32
C ARG A 136 6.12 15.64 -19.27
N SER A 137 6.00 14.90 -20.37
CA SER A 137 6.53 13.54 -20.44
C SER A 137 7.89 13.48 -21.13
N LEU A 138 8.88 12.92 -20.45
CA LEU A 138 10.22 12.81 -21.01
C LEU A 138 10.33 11.60 -21.93
N GLN A 139 9.19 11.09 -22.39
CA GLN A 139 9.17 9.92 -23.27
C GLN A 139 7.86 9.85 -24.03
N ASP A 140 7.82 9.03 -25.08
CA ASP A 140 6.59 8.87 -25.84
C ASP A 140 5.64 8.00 -25.02
N ILE A 141 4.38 8.39 -24.97
CA ILE A 141 3.39 7.62 -24.25
C ILE A 141 2.32 7.20 -25.27
N PRO A 142 2.15 5.89 -25.45
CA PRO A 142 1.15 5.39 -26.40
C PRO A 142 -0.26 5.73 -25.94
N PRO A 143 -1.23 5.78 -26.87
CA PRO A 143 -2.61 6.10 -26.45
C PRO A 143 -3.14 5.03 -25.50
N GLY A 144 -4.09 5.41 -24.65
CA GLY A 144 -4.67 4.47 -23.71
C GLY A 144 -3.74 4.00 -22.60
N THR A 145 -2.63 4.69 -22.41
CA THR A 145 -1.68 4.32 -21.36
C THR A 145 -2.03 5.00 -20.05
N PHE A 146 -1.85 4.28 -18.95
CA PHE A 146 -2.11 4.86 -17.64
C PHE A 146 -0.91 5.76 -17.35
N VAL A 147 -1.17 7.02 -17.01
CA VAL A 147 -0.08 7.95 -16.75
C VAL A 147 0.13 8.26 -15.27
N CYS A 148 -0.91 8.78 -14.62
CA CYS A 148 -0.81 9.11 -13.23
C CYS A 148 -2.18 9.23 -12.60
N GLU A 149 -2.21 9.13 -11.28
CA GLU A 149 -3.46 9.23 -10.54
C GLU A 149 -3.57 10.66 -10.04
N TYR A 150 -4.79 11.16 -9.86
CA TYR A 150 -4.96 12.49 -9.31
C TYR A 150 -5.01 12.23 -7.82
N VAL A 151 -3.87 12.42 -7.13
CA VAL A 151 -3.78 12.15 -5.71
C VAL A 151 -3.80 13.36 -4.79
N GLY A 152 -4.64 13.32 -3.77
CA GLY A 152 -4.73 14.42 -2.84
C GLY A 152 -5.37 14.06 -1.52
N GLU A 153 -5.96 15.05 -0.88
CA GLU A 153 -6.65 14.87 0.40
C GLU A 153 -8.14 14.64 0.13
N LEU A 154 -8.70 13.62 0.77
CA LEU A 154 -10.11 13.30 0.59
C LEU A 154 -10.94 14.11 1.57
N ILE A 155 -11.82 14.95 1.05
CA ILE A 155 -12.66 15.79 1.90
C ILE A 155 -14.12 15.79 1.50
N SER A 156 -14.99 16.19 2.42
CA SER A 156 -16.42 16.23 2.15
C SER A 156 -16.82 17.43 1.31
N ASP A 157 -18.03 17.38 0.76
CA ASP A 157 -18.59 18.44 -0.06
C ASP A 157 -18.59 19.76 0.73
N SER A 158 -19.14 19.69 1.93
CA SER A 158 -19.21 20.86 2.80
C SER A 158 -17.81 21.35 3.10
N GLU A 159 -16.91 20.42 3.39
CA GLU A 159 -15.52 20.75 3.68
C GLU A 159 -14.94 21.53 2.50
N ALA A 160 -15.46 21.25 1.32
CA ALA A 160 -14.99 21.93 0.11
C ALA A 160 -15.50 23.37 0.09
N ASP A 161 -16.66 23.61 0.69
CA ASP A 161 -17.25 24.94 0.73
C ASP A 161 -16.62 25.89 1.75
N VAL A 162 -15.64 25.42 2.51
CA VAL A 162 -15.00 26.27 3.52
C VAL A 162 -13.50 26.37 3.28
N ARG A 163 -13.09 26.25 2.02
CA ARG A 163 -11.68 26.33 1.70
C ARG A 163 -11.44 27.47 0.73
N GLU A 164 -10.57 28.40 1.13
CA GLU A 164 -10.25 29.55 0.30
C GLU A 164 -9.71 29.08 -1.04
N GLU A 165 -8.53 28.47 -1.02
CA GLU A 165 -7.91 27.98 -2.24
C GLU A 165 -8.65 26.75 -2.76
N ASP A 166 -9.21 26.88 -3.95
CA ASP A 166 -9.98 25.80 -4.57
C ASP A 166 -9.57 25.53 -6.01
N SER A 167 -8.32 25.84 -6.36
CA SER A 167 -7.82 25.62 -7.71
C SER A 167 -7.24 24.21 -7.87
N TYR A 168 -7.12 23.48 -6.76
CA TYR A 168 -6.57 22.13 -6.79
C TYR A 168 -7.60 21.11 -6.34
N LEU A 169 -8.84 21.29 -6.76
CA LEU A 169 -9.93 20.39 -6.39
C LEU A 169 -10.46 19.53 -7.54
N PHE A 170 -10.83 18.31 -7.22
CA PHE A 170 -11.39 17.39 -8.21
C PHE A 170 -12.65 16.83 -7.56
N ASP A 171 -13.80 17.09 -8.17
CA ASP A 171 -15.06 16.61 -7.60
C ASP A 171 -15.32 15.15 -7.92
N LEU A 172 -15.83 14.42 -6.93
CA LEU A 172 -16.19 13.02 -7.08
C LEU A 172 -17.71 13.03 -6.94
N ASP A 173 -18.37 13.84 -7.76
CA ASP A 173 -19.82 13.98 -7.72
C ASP A 173 -20.56 12.66 -7.87
N ASN A 174 -21.68 12.56 -7.15
CA ASN A 174 -22.52 11.37 -7.18
C ASN A 174 -23.97 11.82 -7.08
N LYS A 175 -24.83 11.27 -7.93
CA LYS A 175 -26.25 11.62 -7.93
C LYS A 175 -26.90 11.18 -6.63
N ASP A 176 -26.09 10.66 -5.71
CA ASP A 176 -26.56 10.19 -4.40
C ASP A 176 -26.54 11.33 -3.39
N GLY A 177 -26.12 12.51 -3.82
CA GLY A 177 -26.03 13.63 -2.89
C GLY A 177 -24.72 13.51 -2.16
N GLU A 178 -24.31 12.26 -1.91
CA GLU A 178 -23.05 11.99 -1.23
C GLU A 178 -21.92 12.43 -2.18
N VAL A 179 -21.49 13.68 -2.03
CA VAL A 179 -20.43 14.25 -2.86
C VAL A 179 -19.14 14.54 -2.09
N TYR A 180 -18.02 14.15 -2.69
CA TYR A 180 -16.70 14.36 -2.11
C TYR A 180 -15.75 14.89 -3.15
N CYS A 181 -14.61 15.40 -2.71
CA CYS A 181 -13.60 15.95 -3.60
C CYS A 181 -12.20 15.53 -3.15
N ILE A 182 -11.22 15.75 -4.02
CA ILE A 182 -9.83 15.46 -3.69
C ILE A 182 -9.21 16.84 -3.79
N ASP A 183 -8.72 17.34 -2.66
CA ASP A 183 -8.08 18.65 -2.60
C ASP A 183 -6.58 18.43 -2.50
N ALA A 184 -5.86 18.83 -3.55
CA ALA A 184 -4.41 18.66 -3.59
C ALA A 184 -3.60 19.92 -3.20
N ARG A 185 -4.29 20.92 -2.66
CA ARG A 185 -3.65 22.16 -2.24
C ARG A 185 -2.54 21.89 -1.23
N PHE A 186 -2.92 21.27 -0.12
CA PHE A 186 -1.98 20.97 0.95
C PHE A 186 -1.28 19.62 0.79
N TYR A 187 -2.00 18.64 0.25
CA TYR A 187 -1.46 17.31 0.02
C TYR A 187 -1.79 16.87 -1.40
N GLY A 188 -0.77 16.49 -2.17
CA GLY A 188 -0.99 16.05 -3.53
C GLY A 188 0.24 15.45 -4.18
N ASN A 189 0.04 14.77 -5.30
CA ASN A 189 1.14 14.17 -6.05
C ASN A 189 1.44 15.07 -7.25
N VAL A 190 2.16 14.54 -8.23
CA VAL A 190 2.52 15.31 -9.43
C VAL A 190 1.34 15.87 -10.20
N SER A 191 0.17 15.23 -10.09
CA SER A 191 -1.01 15.68 -10.83
C SER A 191 -1.50 17.10 -10.52
N ARG A 192 -1.22 17.57 -9.31
CA ARG A 192 -1.65 18.91 -8.92
C ARG A 192 -1.00 19.99 -9.80
N PHE A 193 0.03 19.61 -10.55
CA PHE A 193 0.73 20.54 -11.42
C PHE A 193 0.33 20.42 -12.89
N ILE A 194 -0.65 19.57 -13.18
CA ILE A 194 -1.12 19.40 -14.55
C ILE A 194 -2.10 20.53 -14.90
N ASN A 195 -1.88 21.18 -16.03
CA ASN A 195 -2.77 22.27 -16.44
C ASN A 195 -3.94 21.81 -17.29
N HIS A 196 -4.90 22.72 -17.47
CA HIS A 196 -6.07 22.42 -18.27
C HIS A 196 -5.87 22.63 -19.77
N HIS A 197 -6.50 21.77 -20.56
CA HIS A 197 -6.44 21.89 -22.01
C HIS A 197 -7.77 21.42 -22.58
N CYS A 198 -8.31 22.18 -23.55
CA CYS A 198 -9.60 21.85 -24.15
C CYS A 198 -9.61 20.60 -25.04
N GLU A 199 -8.45 20.23 -25.58
CA GLU A 199 -8.34 19.01 -26.41
C GLU A 199 -7.23 18.17 -25.75
N PRO A 200 -7.43 17.81 -24.46
CA PRO A 200 -6.54 17.03 -23.60
C PRO A 200 -5.98 15.70 -24.07
N ASN A 201 -4.69 15.49 -23.81
CA ASN A 201 -4.05 14.23 -24.17
C ASN A 201 -4.22 13.27 -22.99
N LEU A 202 -5.01 13.69 -22.00
CA LEU A 202 -5.30 12.89 -20.82
C LEU A 202 -6.78 13.00 -20.46
N VAL A 203 -7.37 11.86 -20.12
CA VAL A 203 -8.77 11.79 -19.72
C VAL A 203 -8.80 11.06 -18.37
N PRO A 204 -9.54 11.59 -17.39
CA PRO A 204 -9.64 10.94 -16.08
C PRO A 204 -10.63 9.79 -16.08
N VAL A 205 -10.29 8.71 -15.39
CA VAL A 205 -11.18 7.56 -15.33
C VAL A 205 -11.32 7.10 -13.87
N ARG A 206 -12.56 6.79 -13.48
CA ARG A 206 -12.82 6.33 -12.13
C ARG A 206 -12.42 4.85 -12.03
N VAL A 207 -11.52 4.54 -11.11
CA VAL A 207 -11.05 3.17 -10.94
C VAL A 207 -11.25 2.70 -9.50
N PHE A 208 -11.40 1.40 -9.33
CA PHE A 208 -11.59 0.78 -8.02
C PHE A 208 -10.62 -0.35 -7.86
N MET A 209 -9.93 -0.37 -6.72
CA MET A 209 -8.94 -1.39 -6.44
C MET A 209 -9.14 -2.13 -5.12
N ALA A 210 -8.41 -1.72 -4.09
CA ALA A 210 -8.48 -2.37 -2.79
C ALA A 210 -9.87 -2.33 -2.13
N HIS A 211 -10.73 -1.42 -2.59
CA HIS A 211 -12.08 -1.32 -2.05
C HIS A 211 -13.07 -0.98 -3.17
N GLN A 212 -14.36 -1.18 -2.92
CA GLN A 212 -15.36 -0.89 -3.94
C GLN A 212 -16.49 -0.01 -3.42
N ASP A 213 -16.12 1.01 -2.65
CA ASP A 213 -17.07 1.97 -2.11
C ASP A 213 -17.19 3.01 -3.22
N LEU A 214 -18.31 2.96 -3.94
CA LEU A 214 -18.59 3.84 -5.07
C LEU A 214 -18.52 5.34 -4.82
N ARG A 215 -18.61 5.77 -3.57
CA ARG A 215 -18.52 7.19 -3.25
C ARG A 215 -17.07 7.67 -3.42
N PHE A 216 -16.13 6.73 -3.31
CA PHE A 216 -14.71 7.07 -3.38
C PHE A 216 -13.86 6.49 -4.52
N PRO A 217 -14.17 6.84 -5.77
CA PRO A 217 -13.36 6.31 -6.87
C PRO A 217 -12.00 7.02 -6.89
N ARG A 218 -10.96 6.31 -7.29
CA ARG A 218 -9.66 6.94 -7.40
C ARG A 218 -9.56 7.39 -8.85
N ILE A 219 -8.96 8.55 -9.08
CA ILE A 219 -8.87 9.11 -10.42
C ILE A 219 -7.59 8.78 -11.15
N ALA A 220 -7.71 8.01 -12.22
CA ALA A 220 -6.54 7.62 -13.00
C ALA A 220 -6.57 8.28 -14.37
N PHE A 221 -5.49 8.98 -14.71
CA PHE A 221 -5.45 9.64 -16.00
C PHE A 221 -4.87 8.69 -17.06
N PHE A 222 -5.54 8.65 -18.20
CA PHE A 222 -5.11 7.81 -19.30
C PHE A 222 -4.88 8.71 -20.52
N SER A 223 -3.88 8.39 -21.33
CA SER A 223 -3.59 9.19 -22.51
C SER A 223 -4.69 8.94 -23.54
N THR A 224 -5.24 10.02 -24.08
CA THR A 224 -6.29 9.93 -25.08
C THR A 224 -5.68 9.76 -26.47
N ARG A 225 -4.36 9.84 -26.56
N ARG A 225 -4.37 9.86 -26.55
CA ARG A 225 -3.67 9.70 -27.84
CA ARG A 225 -3.67 9.73 -27.83
C ARG A 225 -2.18 9.49 -27.62
C ARG A 225 -2.17 9.53 -27.62
N LEU A 226 -1.43 9.50 -28.72
CA LEU A 226 0.01 9.33 -28.63
C LEU A 226 0.54 10.66 -28.12
N ILE A 227 1.30 10.61 -27.03
CA ILE A 227 1.87 11.82 -26.47
C ILE A 227 3.37 11.75 -26.75
N GLU A 228 3.88 12.75 -27.45
CA GLU A 228 5.30 12.78 -27.79
C GLU A 228 6.19 13.30 -26.68
N ALA A 229 7.37 12.69 -26.57
CA ALA A 229 8.34 13.10 -25.56
C ALA A 229 8.52 14.61 -25.62
N GLY A 230 8.41 15.26 -24.47
CA GLY A 230 8.58 16.70 -24.40
C GLY A 230 7.26 17.45 -24.38
N GLU A 231 6.19 16.73 -24.71
CA GLU A 231 4.86 17.32 -24.74
C GLU A 231 4.34 17.55 -23.33
N GLN A 232 3.60 18.64 -23.14
CA GLN A 232 3.03 18.95 -21.84
C GLN A 232 1.71 18.20 -21.68
N LEU A 233 1.51 17.62 -20.49
CA LEU A 233 0.31 16.87 -20.17
C LEU A 233 -0.83 17.83 -19.85
N GLY A 234 -2.05 17.44 -20.17
CA GLY A 234 -3.18 18.28 -19.89
C GLY A 234 -4.50 17.53 -19.82
N PHE A 235 -5.46 18.08 -19.07
CA PHE A 235 -6.76 17.46 -18.93
C PHE A 235 -7.85 18.50 -18.69
N ASP A 236 -9.06 18.22 -19.17
CA ASP A 236 -10.18 19.14 -19.04
C ASP A 236 -10.64 19.25 -17.59
N TYR A 237 -10.51 20.44 -17.01
CA TYR A 237 -10.90 20.71 -15.63
C TYR A 237 -12.41 20.64 -15.42
N GLY A 238 -13.18 20.81 -16.48
CA GLY A 238 -14.62 20.74 -16.34
C GLY A 238 -15.30 22.09 -16.19
N GLU A 239 -16.62 22.08 -16.29
CA GLU A 239 -17.41 23.30 -16.21
C GLU A 239 -17.42 24.05 -14.89
N ARG A 240 -17.47 23.34 -13.77
CA ARG A 240 -17.49 24.01 -12.47
C ARG A 240 -16.21 24.85 -12.25
N PHE A 241 -15.05 24.27 -12.56
CA PHE A 241 -13.80 25.00 -12.38
C PHE A 241 -13.85 26.35 -13.08
N TRP A 242 -14.08 26.31 -14.39
CA TRP A 242 -14.14 27.52 -15.19
C TRP A 242 -15.35 28.40 -14.89
N ASP A 243 -16.46 27.79 -14.52
CA ASP A 243 -17.65 28.56 -14.20
C ASP A 243 -17.38 29.50 -13.03
N ILE A 244 -16.29 29.27 -12.30
CA ILE A 244 -15.96 30.12 -11.16
C ILE A 244 -14.66 30.88 -11.41
N LYS A 245 -13.74 30.25 -12.12
CA LYS A 245 -12.45 30.87 -12.44
C LYS A 245 -12.52 31.64 -13.75
N GLY A 246 -13.56 31.36 -14.53
CA GLY A 246 -13.75 32.04 -15.81
C GLY A 246 -14.08 33.51 -15.62
N LYS A 247 -14.25 33.89 -14.36
CA LYS A 247 -14.57 35.27 -14.00
C LYS A 247 -13.31 35.95 -13.45
N LEU A 248 -12.18 35.26 -13.52
CA LEU A 248 -10.93 35.80 -13.03
C LEU A 248 -9.85 35.88 -14.11
N PHE A 249 -9.84 34.88 -14.99
CA PHE A 249 -8.85 34.84 -16.07
C PHE A 249 -9.29 34.00 -17.25
N SER A 250 -8.65 34.23 -18.39
CA SER A 250 -8.96 33.51 -19.62
C SER A 250 -8.10 32.26 -19.78
N CYS A 251 -8.58 31.32 -20.59
CA CYS A 251 -7.85 30.07 -20.83
C CYS A 251 -6.67 30.26 -21.77
N ARG A 252 -5.47 30.16 -21.20
CA ARG A 252 -4.24 30.32 -21.95
C ARG A 252 -3.82 29.00 -22.61
N CYS A 253 -4.77 28.07 -22.73
CA CYS A 253 -4.53 26.76 -23.33
C CYS A 253 -4.06 26.86 -24.78
N GLY A 254 -4.56 27.87 -25.50
CA GLY A 254 -4.19 28.10 -26.88
C GLY A 254 -4.63 27.05 -27.88
N SER A 255 -5.74 26.38 -27.60
CA SER A 255 -6.23 25.36 -28.51
C SER A 255 -7.11 25.95 -29.59
N PRO A 256 -6.97 25.47 -30.83
CA PRO A 256 -7.77 25.95 -31.95
C PRO A 256 -9.26 25.74 -31.68
N LYS A 257 -9.56 24.75 -30.84
CA LYS A 257 -10.94 24.43 -30.48
C LYS A 257 -11.24 24.85 -29.05
N CYS A 258 -10.34 25.62 -28.45
CA CYS A 258 -10.51 26.09 -27.08
C CYS A 258 -11.96 26.47 -26.78
N ARG A 259 -12.39 26.26 -25.55
CA ARG A 259 -13.76 26.55 -25.15
C ARG A 259 -13.88 27.42 -23.90
N HIS A 260 -12.81 28.07 -23.48
CA HIS A 260 -12.87 28.91 -22.29
C HIS A 260 -12.08 30.21 -22.31
N SER A 261 -11.81 30.75 -23.50
CA SER A 261 -11.07 32.01 -23.59
C SER A 261 -12.00 33.14 -23.99
N GLU B 2 9.67 -35.55 -1.83
CA GLU B 2 9.19 -34.16 -1.54
C GLU B 2 8.40 -33.60 -2.72
N ARG B 3 7.08 -33.76 -2.67
CA ARG B 3 6.22 -33.28 -3.73
C ARG B 3 5.95 -31.79 -3.58
N ILE B 4 5.97 -31.06 -4.70
CA ILE B 4 5.71 -29.63 -4.70
C ILE B 4 4.22 -29.38 -4.92
N VAL B 5 3.52 -28.99 -3.87
CA VAL B 5 2.08 -28.74 -3.98
C VAL B 5 1.75 -27.31 -4.39
N SER B 6 2.77 -26.46 -4.43
CA SER B 6 2.56 -25.06 -4.82
C SER B 6 3.86 -24.32 -5.10
N ARG B 7 3.85 -23.53 -6.17
CA ARG B 7 5.01 -22.74 -6.58
C ARG B 7 5.07 -21.44 -5.77
N ASP B 8 3.92 -21.00 -5.28
CA ASP B 8 3.84 -19.76 -4.49
C ASP B 8 2.44 -19.57 -3.88
N ILE B 9 2.30 -19.87 -2.60
CA ILE B 9 1.02 -19.74 -1.92
C ILE B 9 0.53 -18.30 -1.88
N ALA B 10 1.45 -17.34 -2.04
CA ALA B 10 1.11 -15.93 -2.00
C ALA B 10 0.57 -15.41 -3.33
N ARG B 11 0.70 -16.22 -4.38
CA ARG B 11 0.23 -15.85 -5.70
C ARG B 11 0.84 -14.56 -6.23
N GLY B 12 2.10 -14.30 -5.88
CA GLY B 12 2.76 -13.10 -6.36
C GLY B 12 2.61 -11.80 -5.60
N TYR B 13 1.94 -11.84 -4.44
CA TYR B 13 1.75 -10.65 -3.62
C TYR B 13 2.94 -10.29 -2.73
N GLU B 14 3.95 -11.13 -2.69
CA GLU B 14 5.13 -10.88 -1.88
C GLU B 14 6.30 -10.58 -2.81
N ARG B 15 7.33 -9.91 -2.29
CA ARG B 15 8.49 -9.57 -3.11
C ARG B 15 9.13 -10.83 -3.64
N ILE B 16 9.00 -11.91 -2.88
CA ILE B 16 9.56 -13.20 -3.30
C ILE B 16 8.45 -14.23 -3.21
N PRO B 17 8.57 -15.32 -3.96
CA PRO B 17 7.52 -16.33 -3.89
C PRO B 17 7.68 -17.14 -2.59
N ILE B 18 6.66 -17.89 -2.22
CA ILE B 18 6.72 -18.70 -1.02
C ILE B 18 6.16 -20.07 -1.40
N PRO B 19 7.02 -20.94 -1.94
CA PRO B 19 6.66 -22.30 -2.35
C PRO B 19 6.06 -23.11 -1.23
N CYS B 20 5.55 -24.29 -1.56
CA CYS B 20 4.97 -25.18 -0.57
C CYS B 20 5.25 -26.62 -0.99
N VAL B 21 5.93 -27.35 -0.10
CA VAL B 21 6.27 -28.73 -0.38
C VAL B 21 5.68 -29.67 0.66
N ASN B 22 5.69 -30.96 0.33
CA ASN B 22 5.19 -31.99 1.21
C ASN B 22 5.90 -33.29 0.87
N ALA B 23 6.60 -33.84 1.86
CA ALA B 23 7.35 -35.08 1.70
C ALA B 23 6.94 -36.05 2.81
N VAL B 24 5.83 -35.74 3.46
CA VAL B 24 5.32 -36.57 4.54
C VAL B 24 4.06 -37.29 4.06
N ASP B 25 2.89 -36.72 4.33
CA ASP B 25 1.64 -37.33 3.90
C ASP B 25 1.23 -36.85 2.51
N SER B 26 -0.02 -37.10 2.14
CA SER B 26 -0.52 -36.69 0.84
C SER B 26 -1.57 -35.59 0.96
N GLU B 27 -1.39 -34.72 1.95
CA GLU B 27 -2.29 -33.59 2.16
C GLU B 27 -1.91 -32.54 1.13
N PRO B 28 -2.91 -31.92 0.49
CA PRO B 28 -2.61 -30.90 -0.51
C PRO B 28 -2.31 -29.53 0.11
N CYS B 29 -1.74 -28.63 -0.69
CA CYS B 29 -1.42 -27.29 -0.23
C CYS B 29 -2.65 -26.74 0.47
N PRO B 30 -2.50 -26.26 1.71
CA PRO B 30 -3.63 -25.71 2.45
C PRO B 30 -4.44 -24.75 1.59
N SER B 31 -5.74 -24.69 1.82
CA SER B 31 -6.59 -23.79 1.04
C SER B 31 -7.90 -23.48 1.74
N ASN B 32 -7.97 -23.79 3.04
CA ASN B 32 -9.16 -23.53 3.82
C ASN B 32 -9.07 -22.13 4.44
N TYR B 33 -8.34 -21.25 3.77
CA TYR B 33 -8.16 -19.87 4.22
C TYR B 33 -7.81 -19.04 2.99
N LYS B 34 -7.81 -17.73 3.15
CA LYS B 34 -7.48 -16.81 2.06
C LYS B 34 -6.15 -16.14 2.39
N TYR B 35 -5.17 -16.27 1.50
CA TYR B 35 -3.87 -15.64 1.75
C TYR B 35 -3.94 -14.15 1.46
N VAL B 36 -3.43 -13.37 2.40
CA VAL B 36 -3.41 -11.93 2.25
C VAL B 36 -2.05 -11.42 2.75
N SER B 37 -1.40 -10.59 1.93
CA SER B 37 -0.10 -10.05 2.27
C SER B 37 -0.20 -8.89 3.26
N GLN B 38 -1.42 -8.38 3.46
CA GLN B 38 -1.62 -7.27 4.37
C GLN B 38 -2.86 -7.40 5.24
N ASN B 39 -2.79 -6.83 6.44
CA ASN B 39 -3.90 -6.87 7.38
C ASN B 39 -5.21 -6.38 6.77
N CYS B 40 -6.31 -6.97 7.22
CA CYS B 40 -7.62 -6.59 6.72
C CYS B 40 -8.61 -6.57 7.88
N VAL B 41 -9.84 -6.16 7.57
CA VAL B 41 -10.90 -6.10 8.58
C VAL B 41 -12.21 -6.48 7.94
N THR B 42 -13.11 -7.02 8.74
CA THR B 42 -14.44 -7.38 8.29
C THR B 42 -15.26 -6.25 8.91
N SER B 43 -15.57 -6.36 10.20
CA SER B 43 -16.30 -5.30 10.88
C SER B 43 -15.34 -4.11 10.97
N PRO B 44 -15.86 -2.89 10.86
CA PRO B 44 -15.04 -1.68 10.92
C PRO B 44 -14.19 -1.47 12.17
N MET B 45 -13.00 -0.93 11.94
CA MET B 45 -12.05 -0.61 12.99
C MET B 45 -11.71 0.84 12.66
N ASN B 46 -12.06 1.77 13.56
CA ASN B 46 -11.81 3.18 13.29
C ASN B 46 -10.39 3.63 13.55
N ILE B 47 -9.46 3.04 12.80
CA ILE B 47 -8.05 3.38 12.91
C ILE B 47 -7.87 4.87 12.61
N ASP B 48 -7.07 5.55 13.43
CA ASP B 48 -6.85 6.97 13.25
C ASP B 48 -5.88 7.20 12.08
N ARG B 49 -6.44 7.57 10.94
CA ARG B 49 -5.67 7.80 9.72
C ARG B 49 -5.50 9.29 9.42
N ASN B 50 -5.74 10.14 10.43
CA ASN B 50 -5.60 11.59 10.26
C ASN B 50 -4.11 11.88 10.07
N ILE B 51 -3.73 12.27 8.86
CA ILE B 51 -2.32 12.53 8.56
C ILE B 51 -1.67 13.64 9.41
N THR B 52 -2.47 14.57 9.90
CA THR B 52 -1.96 15.65 10.75
C THR B 52 -1.67 15.13 12.16
N HIS B 53 -2.11 13.91 12.46
CA HIS B 53 -1.90 13.30 13.77
C HIS B 53 -0.60 12.51 13.84
N LEU B 54 0.04 12.29 12.70
CA LEU B 54 1.29 11.55 12.67
C LEU B 54 2.48 12.39 13.17
N GLN B 55 3.36 11.73 13.90
CA GLN B 55 4.55 12.38 14.37
C GLN B 55 5.54 12.00 13.27
N TYR B 56 6.55 12.82 13.05
CA TYR B 56 7.50 12.56 11.97
C TYR B 56 8.81 13.29 12.18
N CYS B 57 9.78 13.04 11.30
CA CYS B 57 11.07 13.69 11.41
C CYS B 57 11.22 14.73 10.30
N VAL B 58 12.25 15.57 10.44
CA VAL B 58 12.54 16.61 9.46
C VAL B 58 13.99 16.48 9.02
N CYS B 59 14.54 15.27 9.15
CA CYS B 59 15.92 14.98 8.79
C CYS B 59 16.31 15.36 7.36
N ILE B 60 17.50 15.93 7.23
CA ILE B 60 18.04 16.36 5.95
C ILE B 60 19.00 15.31 5.43
N ASP B 61 19.09 14.19 6.13
CA ASP B 61 19.97 13.10 5.73
C ASP B 61 19.17 11.80 5.53
N ASP B 62 19.81 10.67 5.77
CA ASP B 62 19.19 9.35 5.61
C ASP B 62 18.68 8.82 6.96
N CYS B 63 18.35 9.72 7.87
CA CYS B 63 17.85 9.37 9.20
C CYS B 63 18.76 8.42 9.96
N SER B 64 20.07 8.57 9.79
CA SER B 64 21.04 7.72 10.49
C SER B 64 21.77 8.53 11.56
N SER B 65 21.32 9.78 11.77
CA SER B 65 21.92 10.64 12.78
C SER B 65 21.09 10.50 14.06
N SER B 66 21.56 11.12 15.14
CA SER B 66 20.89 11.05 16.44
C SER B 66 19.71 11.98 16.57
N ASN B 67 19.47 12.82 15.56
CA ASN B 67 18.38 13.77 15.64
C ASN B 67 17.07 13.35 14.96
N CYS B 68 17.02 12.13 14.41
CA CYS B 68 15.80 11.69 13.77
C CYS B 68 14.75 11.53 14.83
N MET B 69 13.70 12.34 14.75
CA MET B 69 12.64 12.27 15.75
C MET B 69 11.97 10.91 15.76
N CYS B 70 11.85 10.30 14.59
CA CYS B 70 11.22 8.98 14.50
C CYS B 70 12.04 7.94 15.27
N GLY B 71 13.37 8.11 15.27
CA GLY B 71 14.22 7.19 16.00
C GLY B 71 14.02 7.39 17.50
N GLN B 72 13.90 8.66 17.91
CA GLN B 72 13.70 9.00 19.32
C GLN B 72 12.42 8.39 19.86
N LEU B 73 11.36 8.37 19.05
CA LEU B 73 10.09 7.80 19.48
C LEU B 73 10.31 6.35 19.90
N SER B 74 11.19 5.65 19.18
CA SER B 74 11.50 4.27 19.50
C SER B 74 12.76 4.22 20.35
N MET B 75 13.00 5.32 21.08
CA MET B 75 14.16 5.48 21.95
C MET B 75 15.39 5.81 21.11
N ARG B 76 15.57 5.06 20.02
CA ARG B 76 16.66 5.28 19.08
C ARG B 76 16.37 4.39 17.88
N CYS B 77 16.98 4.68 16.74
CA CYS B 77 16.77 3.84 15.56
C CYS B 77 17.60 2.58 15.75
N TRP B 78 16.91 1.43 15.82
CA TRP B 78 17.58 0.16 16.02
C TRP B 78 18.04 -0.54 14.74
N TYR B 79 17.89 0.12 13.59
CA TYR B 79 18.31 -0.48 12.34
C TYR B 79 19.72 -0.06 11.92
N ASP B 80 20.47 -0.99 11.34
CA ASP B 80 21.81 -0.69 10.87
C ASP B 80 21.71 -0.39 9.38
N LYS B 81 22.86 -0.14 8.73
CA LYS B 81 22.84 0.17 7.31
C LYS B 81 22.25 -0.95 6.45
N ASP B 82 22.16 -2.16 7.00
CA ASP B 82 21.59 -3.28 6.26
C ASP B 82 20.16 -3.59 6.66
N GLY B 83 19.58 -2.77 7.52
CA GLY B 83 18.22 -2.99 7.96
C GLY B 83 18.11 -4.00 9.08
N ARG B 84 19.21 -4.30 9.75
CA ARG B 84 19.19 -5.27 10.84
C ARG B 84 19.25 -4.63 12.22
N LEU B 85 18.64 -5.30 13.20
CA LEU B 85 18.59 -4.80 14.57
C LEU B 85 19.95 -4.78 15.22
N LEU B 86 20.27 -3.65 15.84
CA LEU B 86 21.55 -3.47 16.51
C LEU B 86 21.71 -4.48 17.65
N PRO B 87 22.96 -4.87 17.95
CA PRO B 87 23.30 -5.84 19.00
C PRO B 87 22.72 -5.44 20.38
N GLU B 88 22.53 -4.14 20.58
CA GLU B 88 22.00 -3.63 21.84
C GLU B 88 20.48 -3.74 21.97
N PHE B 89 19.83 -4.28 20.95
CA PHE B 89 18.37 -4.45 20.96
C PHE B 89 17.97 -5.52 21.96
N ASN B 90 17.05 -5.18 22.87
CA ASN B 90 16.59 -6.11 23.89
C ASN B 90 15.51 -7.08 23.41
N MET B 91 15.93 -8.25 22.95
CA MET B 91 15.01 -9.28 22.46
C MET B 91 13.97 -9.70 23.50
N ALA B 92 14.38 -9.77 24.75
CA ALA B 92 13.49 -10.18 25.83
C ALA B 92 12.52 -9.10 26.28
N GLU B 93 12.69 -7.89 25.76
CA GLU B 93 11.84 -6.78 26.14
C GLU B 93 11.92 -5.72 25.02
N PRO B 94 11.38 -6.02 23.84
CA PRO B 94 11.39 -5.12 22.69
C PRO B 94 10.73 -3.76 22.91
N PRO B 95 11.32 -2.71 22.33
CA PRO B 95 10.76 -1.37 22.46
C PRO B 95 9.81 -1.22 21.28
N LEU B 96 8.97 -0.18 21.29
CA LEU B 96 8.08 0.05 20.17
C LEU B 96 8.92 0.70 19.07
N ILE B 97 8.85 0.17 17.86
CA ILE B 97 9.60 0.74 16.75
C ILE B 97 8.68 1.62 15.92
N PHE B 98 9.16 2.82 15.58
CA PHE B 98 8.42 3.78 14.77
C PHE B 98 9.22 4.08 13.51
N GLU B 99 8.88 3.43 12.40
CA GLU B 99 9.59 3.66 11.15
C GLU B 99 9.13 4.99 10.58
N CYS B 100 9.96 5.59 9.74
CA CYS B 100 9.57 6.85 9.13
C CYS B 100 8.32 6.61 8.29
N ASN B 101 7.55 7.66 8.06
CA ASN B 101 6.32 7.59 7.29
C ASN B 101 6.26 8.70 6.24
N HIS B 102 5.17 8.71 5.47
CA HIS B 102 5.00 9.70 4.41
C HIS B 102 4.89 11.15 4.89
N ALA B 103 4.85 11.37 6.20
CA ALA B 103 4.77 12.73 6.74
C ALA B 103 6.18 13.25 7.04
N CYS B 104 7.12 12.34 7.12
CA CYS B 104 8.50 12.72 7.39
C CYS B 104 9.00 13.48 6.17
N SER B 105 10.10 14.21 6.33
CA SER B 105 10.69 14.99 5.24
C SER B 105 11.75 14.18 4.51
N CYS B 106 12.18 13.08 5.11
CA CYS B 106 13.20 12.22 4.53
C CYS B 106 12.73 11.49 3.29
N TRP B 107 13.67 10.82 2.62
CA TRP B 107 13.39 10.06 1.41
C TRP B 107 12.91 8.64 1.72
N ARG B 108 12.19 8.06 0.76
CA ARG B 108 11.64 6.72 0.90
C ARG B 108 12.69 5.63 1.07
N ASN B 109 13.97 5.98 0.97
CA ASN B 109 15.02 4.99 1.13
C ASN B 109 15.89 5.25 2.36
N CYS B 110 15.37 6.02 3.32
CA CYS B 110 16.14 6.30 4.52
C CYS B 110 16.37 5.04 5.31
N ARG B 111 17.23 5.17 6.32
CA ARG B 111 17.61 4.08 7.20
C ARG B 111 16.46 3.52 8.05
N ASN B 112 15.55 4.40 8.45
CA ASN B 112 14.45 4.00 9.31
C ASN B 112 13.18 3.46 8.61
N ARG B 113 13.41 2.52 7.70
CA ARG B 113 12.36 1.89 6.94
C ARG B 113 12.82 0.47 6.63
N VAL B 114 12.17 -0.52 7.23
CA VAL B 114 12.52 -1.92 7.02
C VAL B 114 11.27 -2.78 6.87
N VAL B 115 10.46 -2.83 7.92
CA VAL B 115 9.23 -3.61 7.92
C VAL B 115 8.26 -3.13 6.82
N GLN B 116 8.28 -1.84 6.53
CA GLN B 116 7.42 -1.31 5.48
C GLN B 116 7.95 -1.70 4.10
N ASN B 117 9.10 -2.37 4.05
CA ASN B 117 9.65 -2.76 2.76
C ASN B 117 9.30 -4.18 2.32
N GLY B 118 8.66 -4.92 3.21
CA GLY B 118 8.24 -6.26 2.84
C GLY B 118 9.18 -7.42 3.02
N LEU B 119 8.68 -8.58 2.64
CA LEU B 119 9.41 -9.83 2.74
C LEU B 119 10.61 -9.86 1.83
N ARG B 120 11.76 -10.23 2.37
CA ARG B 120 12.98 -10.32 1.59
C ARG B 120 13.80 -11.57 1.92
N ALA B 121 13.19 -12.49 2.66
CA ALA B 121 13.86 -13.73 3.04
C ALA B 121 13.18 -14.91 2.34
N ARG B 122 13.96 -15.73 1.64
CA ARG B 122 13.42 -16.87 0.93
C ARG B 122 12.86 -17.88 1.91
N LEU B 123 11.53 -17.95 1.99
CA LEU B 123 10.86 -18.86 2.91
C LEU B 123 10.12 -19.97 2.18
N GLN B 124 9.62 -20.94 2.94
CA GLN B 124 8.89 -22.07 2.36
C GLN B 124 7.94 -22.73 3.36
N LEU B 125 6.72 -23.01 2.90
CA LEU B 125 5.73 -23.69 3.70
C LEU B 125 5.98 -25.18 3.42
N TYR B 126 6.14 -25.98 4.47
CA TYR B 126 6.39 -27.40 4.27
C TYR B 126 5.63 -28.25 5.27
N ARG B 127 5.46 -29.52 4.92
CA ARG B 127 4.74 -30.47 5.76
C ARG B 127 5.67 -31.11 6.77
N THR B 128 5.39 -30.89 8.06
CA THR B 128 6.21 -31.48 9.11
C THR B 128 5.57 -32.82 9.49
N ARG B 129 6.27 -33.58 10.32
CA ARG B 129 5.77 -34.90 10.74
C ARG B 129 4.94 -34.88 12.00
N ASP B 130 5.17 -33.91 12.87
CA ASP B 130 4.47 -33.85 14.15
C ASP B 130 3.61 -32.63 14.48
N MET B 131 3.73 -31.56 13.71
CA MET B 131 2.95 -30.37 14.01
C MET B 131 2.10 -29.82 12.86
N GLY B 132 1.89 -30.64 11.84
CA GLY B 132 1.10 -30.22 10.69
C GLY B 132 1.96 -29.44 9.71
N TRP B 133 1.48 -28.28 9.29
CA TRP B 133 2.25 -27.47 8.36
C TRP B 133 3.23 -26.59 9.14
N GLY B 134 4.28 -26.16 8.46
CA GLY B 134 5.28 -25.32 9.10
C GLY B 134 6.03 -24.50 8.07
N VAL B 135 6.70 -23.45 8.54
CA VAL B 135 7.48 -22.57 7.67
C VAL B 135 8.96 -22.72 8.03
N ARG B 136 9.79 -22.88 7.01
CA ARG B 136 11.23 -23.01 7.24
C ARG B 136 11.92 -21.97 6.39
N SER B 137 13.19 -21.73 6.66
CA SER B 137 13.96 -20.77 5.90
C SER B 137 14.80 -21.54 4.88
N LEU B 138 14.99 -20.98 3.69
CA LEU B 138 15.78 -21.65 2.66
C LEU B 138 17.14 -20.97 2.51
N GLN B 139 17.44 -20.04 3.40
CA GLN B 139 18.71 -19.31 3.36
C GLN B 139 19.18 -19.02 4.77
N ASP B 140 20.45 -18.65 4.93
CA ASP B 140 20.95 -18.30 6.25
C ASP B 140 20.33 -16.92 6.49
N ILE B 141 19.90 -16.67 7.71
CA ILE B 141 19.31 -15.39 8.06
C ILE B 141 20.04 -14.87 9.29
N PRO B 142 20.83 -13.81 9.12
CA PRO B 142 21.60 -13.20 10.23
C PRO B 142 20.69 -12.74 11.36
N PRO B 143 21.23 -12.69 12.59
CA PRO B 143 20.41 -12.24 13.72
C PRO B 143 19.92 -10.80 13.52
N GLY B 144 18.77 -10.49 14.10
CA GLY B 144 18.22 -9.14 13.99
C GLY B 144 17.67 -8.81 12.62
N THR B 145 17.27 -9.82 11.86
CA THR B 145 16.72 -9.61 10.53
C THR B 145 15.20 -9.72 10.50
N PHE B 146 14.56 -8.74 9.86
CA PHE B 146 13.11 -8.78 9.73
C PHE B 146 12.82 -9.97 8.83
N VAL B 147 11.98 -10.88 9.31
CA VAL B 147 11.66 -12.08 8.54
C VAL B 147 10.27 -12.00 7.90
N CYS B 148 9.27 -11.65 8.69
CA CYS B 148 7.90 -11.50 8.20
C CYS B 148 6.98 -10.91 9.26
N GLU B 149 5.81 -10.46 8.81
CA GLU B 149 4.81 -9.87 9.66
C GLU B 149 3.68 -10.87 9.89
N TYR B 150 2.99 -10.73 11.02
CA TYR B 150 1.86 -11.61 11.33
C TYR B 150 0.64 -10.85 10.83
N VAL B 151 0.15 -11.20 9.64
CA VAL B 151 -1.01 -10.50 9.12
C VAL B 151 -2.28 -11.34 9.10
N GLY B 152 -3.40 -10.72 9.41
CA GLY B 152 -4.67 -11.42 9.42
C GLY B 152 -5.81 -10.44 9.56
N GLU B 153 -6.93 -10.93 10.05
CA GLU B 153 -8.12 -10.11 10.24
C GLU B 153 -8.01 -9.32 11.54
N LEU B 154 -8.25 -8.02 11.46
CA LEU B 154 -8.19 -7.13 12.61
C LEU B 154 -9.54 -7.16 13.31
N ILE B 155 -9.60 -7.80 14.47
CA ILE B 155 -10.84 -7.91 15.23
C ILE B 155 -10.69 -7.43 16.67
N SER B 156 -11.82 -7.18 17.33
CA SER B 156 -11.79 -6.70 18.72
C SER B 156 -11.69 -7.86 19.71
N ASP B 157 -11.58 -7.50 21.00
CA ASP B 157 -11.47 -8.46 22.09
C ASP B 157 -12.76 -9.27 22.24
N SER B 158 -13.89 -8.58 22.32
CA SER B 158 -15.16 -9.26 22.47
C SER B 158 -15.48 -10.14 21.25
N GLU B 159 -14.94 -9.76 20.09
CA GLU B 159 -15.16 -10.51 18.86
C GLU B 159 -14.39 -11.84 18.89
N ALA B 160 -13.12 -11.79 19.24
CA ALA B 160 -12.30 -13.00 19.30
C ALA B 160 -12.88 -13.91 20.38
N ASP B 161 -13.53 -13.29 21.36
CA ASP B 161 -14.12 -14.04 22.47
C ASP B 161 -15.27 -14.96 22.03
N VAL B 162 -15.87 -14.68 20.88
CA VAL B 162 -16.97 -15.51 20.39
C VAL B 162 -16.52 -16.46 19.27
N ARG B 163 -15.23 -16.45 18.94
CA ARG B 163 -14.73 -17.29 17.87
C ARG B 163 -14.17 -18.63 18.36
N GLU B 164 -14.94 -19.69 18.14
CA GLU B 164 -14.55 -21.03 18.55
C GLU B 164 -13.12 -21.36 18.17
N GLU B 165 -12.76 -21.09 16.91
CA GLU B 165 -11.40 -21.38 16.44
C GLU B 165 -10.44 -20.25 16.80
N ASP B 166 -9.61 -20.49 17.81
CA ASP B 166 -8.65 -19.49 18.28
C ASP B 166 -7.18 -19.89 18.19
N SER B 167 -6.87 -20.88 17.35
CA SER B 167 -5.50 -21.36 17.18
C SER B 167 -4.60 -20.42 16.36
N TYR B 168 -5.23 -19.48 15.64
CA TYR B 168 -4.51 -18.54 14.79
C TYR B 168 -4.74 -17.09 15.24
N LEU B 169 -4.79 -16.89 16.56
CA LEU B 169 -5.02 -15.57 17.14
C LEU B 169 -3.75 -14.99 17.76
N PHE B 170 -3.55 -13.68 17.60
CA PHE B 170 -2.38 -13.01 18.18
C PHE B 170 -2.89 -11.80 18.94
N ASP B 171 -2.58 -11.72 20.24
CA ASP B 171 -3.04 -10.61 21.07
C ASP B 171 -2.26 -9.29 20.96
N LEU B 172 -2.99 -8.20 20.84
CA LEU B 172 -2.42 -6.85 20.75
C LEU B 172 -3.04 -6.14 21.94
N ASP B 173 -2.37 -6.13 23.09
CA ASP B 173 -2.98 -5.51 24.26
C ASP B 173 -2.40 -4.23 24.82
N ASN B 174 -3.10 -3.77 25.85
CA ASN B 174 -2.80 -2.58 26.63
C ASN B 174 -4.14 -2.05 27.14
N LYS B 175 -4.76 -2.85 28.00
CA LYS B 175 -6.05 -2.55 28.61
C LYS B 175 -6.27 -1.06 28.88
N ASP B 176 -7.53 -0.65 28.70
CA ASP B 176 -7.98 0.72 28.90
C ASP B 176 -9.41 0.72 28.37
N GLY B 177 -9.96 -0.49 28.25
CA GLY B 177 -11.30 -0.68 27.73
C GLY B 177 -11.14 -1.22 26.32
N GLU B 178 -9.91 -1.14 25.82
CA GLU B 178 -9.58 -1.60 24.48
C GLU B 178 -8.44 -2.60 24.41
N VAL B 179 -8.65 -3.65 23.62
CA VAL B 179 -7.68 -4.71 23.38
C VAL B 179 -8.10 -5.38 22.08
N TYR B 180 -7.15 -5.55 21.17
CA TYR B 180 -7.45 -6.14 19.87
C TYR B 180 -6.60 -7.35 19.55
N CYS B 181 -7.03 -8.09 18.55
CA CYS B 181 -6.32 -9.29 18.13
C CYS B 181 -6.22 -9.30 16.62
N ILE B 182 -5.41 -10.21 16.11
CA ILE B 182 -5.26 -10.41 14.67
C ILE B 182 -5.62 -11.88 14.51
N ASP B 183 -6.76 -12.15 13.88
CA ASP B 183 -7.20 -13.53 13.66
C ASP B 183 -6.78 -13.93 12.26
N ALA B 184 -5.85 -14.88 12.18
CA ALA B 184 -5.35 -15.34 10.90
C ALA B 184 -5.97 -16.65 10.42
N ARG B 185 -7.08 -17.05 11.04
CA ARG B 185 -7.77 -18.29 10.66
C ARG B 185 -8.36 -18.23 9.24
N PHE B 186 -9.19 -17.22 9.00
CA PHE B 186 -9.82 -17.07 7.70
C PHE B 186 -9.02 -16.22 6.74
N TYR B 187 -8.25 -15.28 7.29
CA TYR B 187 -7.41 -14.39 6.49
C TYR B 187 -6.06 -14.26 7.16
N GLY B 188 -5.00 -14.53 6.42
CA GLY B 188 -3.66 -14.43 6.97
C GLY B 188 -2.59 -14.69 5.93
N ASN B 189 -1.34 -14.49 6.30
CA ASN B 189 -0.21 -14.71 5.41
C ASN B 189 0.60 -15.88 5.94
N VAL B 190 1.78 -16.11 5.37
CA VAL B 190 2.67 -17.19 5.77
C VAL B 190 2.83 -17.40 7.29
N SER B 191 2.86 -16.30 8.06
CA SER B 191 3.02 -16.38 9.50
C SER B 191 1.99 -17.26 10.23
N ARG B 192 0.87 -17.54 9.58
CA ARG B 192 -0.16 -18.36 10.22
C ARG B 192 0.31 -19.81 10.33
N PHE B 193 1.28 -20.18 9.51
CA PHE B 193 1.80 -21.54 9.50
C PHE B 193 3.05 -21.72 10.35
N ILE B 194 3.46 -20.67 11.05
CA ILE B 194 4.64 -20.74 11.91
C ILE B 194 4.26 -21.44 13.21
N ASN B 195 4.99 -22.50 13.56
CA ASN B 195 4.71 -23.25 14.78
C ASN B 195 5.38 -22.65 16.01
N HIS B 196 4.82 -22.97 17.18
CA HIS B 196 5.35 -22.47 18.44
C HIS B 196 6.68 -23.13 18.82
N HIS B 197 7.53 -22.39 19.53
CA HIS B 197 8.82 -22.89 20.01
C HIS B 197 9.23 -22.14 21.28
N CYS B 198 9.56 -22.89 22.34
CA CYS B 198 9.93 -22.29 23.62
C CYS B 198 11.27 -21.53 23.64
N GLU B 199 12.13 -21.82 22.67
CA GLU B 199 13.43 -21.14 22.54
C GLU B 199 13.49 -20.72 21.07
N PRO B 200 12.54 -19.86 20.66
CA PRO B 200 12.34 -19.31 19.31
C PRO B 200 13.45 -18.54 18.63
N ASN B 201 13.53 -18.72 17.32
CA ASN B 201 14.52 -18.01 16.52
C ASN B 201 13.84 -16.75 15.98
N LEU B 202 12.57 -16.56 16.35
CA LEU B 202 11.79 -15.39 15.93
C LEU B 202 11.21 -14.68 17.15
N VAL B 203 11.20 -13.35 17.11
CA VAL B 203 10.64 -12.58 18.21
C VAL B 203 9.75 -11.49 17.66
N PRO B 204 8.51 -11.40 18.15
CA PRO B 204 7.55 -10.40 17.69
C PRO B 204 7.89 -9.00 18.20
N VAL B 205 7.84 -8.02 17.30
CA VAL B 205 8.12 -6.64 17.63
C VAL B 205 6.98 -5.77 17.11
N ARG B 206 6.47 -4.89 17.96
CA ARG B 206 5.38 -4.01 17.60
C ARG B 206 5.93 -2.80 16.85
N VAL B 207 5.46 -2.65 15.60
CA VAL B 207 5.93 -1.59 14.72
C VAL B 207 4.81 -0.68 14.23
N PHE B 208 5.14 0.58 13.99
CA PHE B 208 4.21 1.57 13.49
C PHE B 208 4.77 2.18 12.23
N MET B 209 3.93 2.30 11.21
CA MET B 209 4.39 2.87 9.95
C MET B 209 3.48 3.95 9.35
N ALA B 210 2.51 3.55 8.55
CA ALA B 210 1.61 4.50 7.90
C ALA B 210 0.75 5.27 8.90
N HIS B 211 0.35 4.59 9.96
CA HIS B 211 -0.46 5.24 10.98
C HIS B 211 0.19 5.04 12.34
N GLN B 212 -0.17 5.87 13.31
CA GLN B 212 0.40 5.73 14.64
C GLN B 212 -0.68 5.61 15.71
N ASP B 213 -1.67 4.76 15.43
CA ASP B 213 -2.77 4.50 16.36
C ASP B 213 -2.29 3.35 17.24
N LEU B 214 -1.86 3.68 18.44
CA LEU B 214 -1.32 2.71 19.39
C LEU B 214 -2.11 1.44 19.63
N ARG B 215 -3.43 1.50 19.48
CA ARG B 215 -4.23 0.31 19.70
C ARG B 215 -3.93 -0.75 18.62
N PHE B 216 -3.35 -0.33 17.50
CA PHE B 216 -3.08 -1.25 16.40
C PHE B 216 -1.64 -1.42 15.93
N PRO B 217 -0.76 -1.91 16.82
CA PRO B 217 0.62 -2.09 16.35
C PRO B 217 0.62 -3.22 15.34
N ARG B 218 1.63 -3.26 14.49
CA ARG B 218 1.75 -4.35 13.53
C ARG B 218 2.82 -5.29 14.09
N ILE B 219 2.60 -6.58 13.92
CA ILE B 219 3.51 -7.59 14.46
C ILE B 219 4.60 -8.02 13.48
N ALA B 220 5.82 -7.61 13.79
CA ALA B 220 6.98 -7.93 12.95
C ALA B 220 7.87 -8.96 13.62
N PHE B 221 8.20 -10.03 12.88
CA PHE B 221 9.07 -11.06 13.41
C PHE B 221 10.50 -10.80 12.98
N PHE B 222 11.41 -10.88 13.95
CA PHE B 222 12.82 -10.66 13.69
C PHE B 222 13.58 -11.87 14.23
N SER B 223 14.62 -12.29 13.51
CA SER B 223 15.40 -13.43 13.96
C SER B 223 16.15 -13.02 15.23
N THR B 224 16.11 -13.90 16.22
CA THR B 224 16.75 -13.67 17.51
C THR B 224 18.19 -14.20 17.49
N ARG B 225 18.54 -14.87 16.40
N ARG B 225 18.55 -14.83 16.38
CA ARG B 225 19.88 -15.43 16.21
CA ARG B 225 19.89 -15.38 16.20
C ARG B 225 20.05 -15.83 14.76
C ARG B 225 20.05 -15.82 14.76
N LEU B 226 21.20 -16.40 14.44
CA LEU B 226 21.48 -16.87 13.09
C LEU B 226 20.54 -18.04 12.80
N ILE B 227 19.83 -17.96 11.67
CA ILE B 227 18.94 -19.03 11.27
C ILE B 227 19.53 -19.61 9.98
N GLU B 228 20.01 -20.84 10.03
CA GLU B 228 20.59 -21.41 8.83
C GLU B 228 19.60 -22.16 7.96
N ALA B 229 19.90 -22.15 6.67
CA ALA B 229 19.06 -22.77 5.65
C ALA B 229 18.48 -24.10 6.10
N GLY B 230 17.17 -24.22 5.99
CA GLY B 230 16.49 -25.46 6.36
C GLY B 230 15.87 -25.45 7.75
N GLU B 231 16.34 -24.54 8.60
CA GLU B 231 15.82 -24.45 9.95
C GLU B 231 14.36 -24.01 9.95
N GLN B 232 13.56 -24.58 10.84
CA GLN B 232 12.14 -24.20 10.92
C GLN B 232 12.01 -22.94 11.75
N LEU B 233 11.12 -22.05 11.32
CA LEU B 233 10.89 -20.81 12.04
C LEU B 233 10.01 -21.07 13.25
N GLY B 234 10.17 -20.26 14.29
CA GLY B 234 9.34 -20.43 15.46
C GLY B 234 9.29 -19.20 16.33
N PHE B 235 8.21 -19.05 17.08
CA PHE B 235 8.07 -17.94 18.01
C PHE B 235 7.25 -18.41 19.21
N ASP B 236 7.33 -17.69 20.31
CA ASP B 236 6.61 -18.06 21.51
C ASP B 236 5.18 -17.54 21.40
N TYR B 237 4.22 -18.47 21.46
CA TYR B 237 2.81 -18.13 21.37
C TYR B 237 2.32 -17.45 22.64
N GLY B 238 3.14 -17.45 23.67
CA GLY B 238 2.75 -16.83 24.92
C GLY B 238 1.96 -17.76 25.83
N GLU B 239 1.63 -17.26 27.02
CA GLU B 239 0.90 -18.01 28.04
C GLU B 239 -0.59 -18.25 27.79
N ARG B 240 -1.29 -17.26 27.27
CA ARG B 240 -2.72 -17.42 27.03
C ARG B 240 -2.97 -18.59 26.09
N PHE B 241 -2.19 -18.68 25.02
CA PHE B 241 -2.34 -19.76 24.07
C PHE B 241 -2.24 -21.11 24.75
N TRP B 242 -1.15 -21.33 25.48
CA TRP B 242 -0.91 -22.60 26.16
C TRP B 242 -1.77 -22.82 27.39
N ASP B 243 -2.18 -21.73 28.03
CA ASP B 243 -3.03 -21.88 29.20
C ASP B 243 -4.30 -22.57 28.70
N ILE B 244 -4.71 -22.20 27.49
CA ILE B 244 -5.91 -22.76 26.86
C ILE B 244 -5.65 -24.08 26.16
N LYS B 245 -4.95 -24.03 25.03
CA LYS B 245 -4.65 -25.23 24.25
C LYS B 245 -3.84 -26.26 25.03
N GLY B 246 -3.42 -25.90 26.24
CA GLY B 246 -2.63 -26.80 27.05
C GLY B 246 -3.43 -27.97 27.55
N LYS B 247 -4.73 -27.75 27.73
CA LYS B 247 -5.63 -28.79 28.22
C LYS B 247 -5.90 -29.88 27.20
N LEU B 248 -5.49 -29.67 25.95
CA LEU B 248 -5.71 -30.66 24.89
C LEU B 248 -4.45 -31.41 24.47
N PHE B 249 -3.35 -30.69 24.33
CA PHE B 249 -2.09 -31.31 23.94
C PHE B 249 -0.92 -30.55 24.55
N SER B 250 0.20 -31.24 24.66
CA SER B 250 1.40 -30.64 25.22
C SER B 250 2.34 -30.22 24.10
N CYS B 251 3.22 -29.27 24.39
CA CYS B 251 4.17 -28.78 23.40
C CYS B 251 5.03 -29.89 22.79
N ARG B 252 5.43 -29.69 21.54
CA ARG B 252 6.26 -30.67 20.86
C ARG B 252 7.43 -30.03 20.11
N CYS B 253 7.85 -28.83 20.55
CA CYS B 253 8.96 -28.13 19.93
C CYS B 253 10.26 -28.89 20.09
N GLY B 254 10.31 -29.76 21.10
CA GLY B 254 11.50 -30.56 21.35
C GLY B 254 12.67 -29.86 21.99
N SER B 255 12.49 -28.61 22.40
CA SER B 255 13.58 -27.87 23.02
C SER B 255 13.88 -28.43 24.41
N PRO B 256 15.16 -28.67 24.72
CA PRO B 256 15.55 -29.20 26.02
C PRO B 256 15.01 -28.35 27.16
N LYS B 257 14.74 -27.08 26.85
CA LYS B 257 14.22 -26.15 27.83
C LYS B 257 12.74 -25.86 27.58
N CYS B 258 12.05 -26.80 26.94
CA CYS B 258 10.63 -26.65 26.67
C CYS B 258 9.91 -26.27 27.97
N ARG B 259 8.94 -25.37 27.85
CA ARG B 259 8.20 -24.91 29.01
C ARG B 259 6.74 -25.34 28.99
N HIS B 260 6.37 -26.16 28.01
CA HIS B 260 4.98 -26.60 27.93
C HIS B 260 4.77 -28.06 27.57
N SER B 261 5.73 -28.90 27.96
CA SER B 261 5.65 -30.33 27.72
C SER B 261 6.13 -31.01 29.00
N SAH C . 0.13 25.97 -13.09
CA SAH C . -0.23 25.70 -11.63
CB SAH C . -0.66 24.33 -11.21
CG SAH C . -1.86 23.67 -11.86
SD SAH C . -3.20 24.09 -10.78
C SAH C . 1.00 26.19 -10.76
O SAH C . 2.00 26.71 -11.31
OXT SAH C . 0.88 26.04 -9.48
C5' SAH C . -4.27 25.01 -11.79
C4' SAH C . -4.00 26.58 -11.81
O4' SAH C . -3.06 26.79 -12.85
C3' SAH C . -5.16 27.47 -12.18
O3' SAH C . -5.77 28.05 -11.03
C2' SAH C . -4.49 28.50 -13.17
O2' SAH C . -3.93 29.63 -12.50
C1' SAH C . -3.44 27.69 -13.95
N9 SAH C . -3.88 27.04 -15.04
C8 SAH C . -4.16 25.72 -15.36
N7 SAH C . -4.58 25.49 -16.57
C5 SAH C . -4.60 26.78 -17.17
C6 SAH C . -4.97 27.24 -18.50
N6 SAH C . -5.39 26.43 -19.48
N1 SAH C . -4.87 28.59 -18.71
C2 SAH C . -4.43 29.48 -17.77
N3 SAH C . -4.07 29.08 -16.49
C4 SAH C . -4.17 27.74 -16.26
C2 Q4A D . -16.41 22.55 -5.01
C5 Q4A D . -14.72 23.98 -6.58
C4 Q4A D . -14.97 22.64 -6.85
CAO Q4A D . -17.92 22.51 -3.12
CAP Q4A D . -19.23 23.16 -3.58
CAQ Q4A D . -19.86 22.44 -4.77
NAR Q4A D . -19.92 20.98 -4.58
CAU Q4A D . -21.22 20.49 -5.05
CAS Q4A D . -18.85 20.33 -5.35
CAT Q4A D . -17.51 20.45 -4.62
NAN Q4A D . -17.26 21.86 -4.26
N1 Q4A D . -16.18 23.84 -4.73
N3 Q4A D . -15.81 21.96 -6.06
CAC Q4A D . -14.38 22.04 -7.96
CAD Q4A D . -13.56 22.78 -8.80
OAL Q4A D . -12.94 22.19 -9.85
CBI Q4A D . -13.68 21.09 -10.39
CAE Q4A D . -13.33 24.13 -8.55
OAK Q4A D . -12.62 24.86 -9.44
CBJ Q4A D . -11.95 25.98 -8.86
CAF Q4A D . -13.90 24.72 -7.43
C6 Q4A D . -15.33 24.57 -5.48
NAM Q4A D . -15.02 25.81 -5.13
CAV Q4A D . -15.58 26.42 -3.91
CBA Q4A D . -14.49 27.11 -3.10
CAZ Q4A D . -15.09 27.87 -1.92
CAW Q4A D . -16.65 27.44 -4.32
CAX Q4A D . -17.16 28.18 -3.09
NAY Q4A D . -16.04 28.87 -2.43
CBB Q4A D . -16.56 29.70 -1.33
CBC Q4A D . -17.40 30.83 -1.90
CBD Q4A D . -16.81 32.05 -2.24
CBE Q4A D . -17.57 33.06 -2.81
CBF Q4A D . -18.93 32.86 -3.05
CBG Q4A D . -19.53 31.66 -2.71
CBH Q4A D . -18.77 30.65 -2.13
ZN ZN E . -10.47 -10.29 -10.14
ZN ZN F . -7.33 -11.10 -11.96
ZN ZN G . -10.42 -12.61 -12.97
ZN ZN H . -8.46 26.20 -23.71
N SAH I . 0.79 -26.15 12.36
CA SAH I . -0.44 -25.29 12.06
CB SAH I . -0.29 -23.80 12.02
CG SAH I . 0.23 -23.07 13.23
SD SAH I . -1.23 -22.56 14.08
C SAH I . -1.08 -25.83 10.71
O SAH I . -0.54 -26.80 10.13
OXT SAH I . -2.15 -25.21 10.29
C5' SAH I . -1.01 -23.22 15.68
C4' SAH I . -1.56 -24.69 15.89
O4' SAH I . -0.57 -25.58 15.35
C3' SAH I . -1.76 -25.18 17.29
O3' SAH I . -3.11 -25.05 17.72
C2' SAH I . -1.24 -26.66 17.21
O2' SAH I . -2.25 -27.55 16.76
C1' SAH I . -0.03 -26.60 16.26
N9 SAH I . 1.16 -26.26 16.81
C8 SAH I . 2.02 -25.19 16.66
N7 SAH I . 3.10 -25.22 17.38
C5 SAH I . 2.99 -26.43 18.10
C6 SAH I . 3.86 -27.08 19.08
N6 SAH I . 5.03 -26.57 19.48
N1 SAH I . 3.40 -28.28 19.58
C2 SAH I . 2.22 -28.85 19.20
N3 SAH I . 1.39 -28.27 18.29
C4 SAH I . 1.82 -27.08 17.78
C2 Q4A J . -8.45 -14.26 23.12
C5 Q4A J . -7.41 -16.70 22.55
C4 Q4A J . -6.62 -15.55 22.48
CAO Q4A J . -10.35 -12.91 23.82
CAP Q4A J . -10.53 -13.00 25.34
CAQ Q4A J . -9.32 -12.49 26.12
NAR Q4A J . -8.83 -11.22 25.57
CAU Q4A J . -8.49 -10.30 26.66
CAS Q4A J . -7.62 -11.47 24.75
CAT Q4A J . -8.02 -11.91 23.35
NAN Q4A J . -8.94 -13.06 23.43
N1 Q4A J . -9.24 -15.34 23.18
N3 Q4A J . -7.16 -14.36 22.76
CAC Q4A J . -5.26 -15.66 22.19
CAD Q4A J . -4.68 -16.90 21.98
OAL Q4A J . -3.36 -17.03 21.66
CBI Q4A J . -2.57 -15.91 22.08
CAE Q4A J . -5.46 -18.05 22.08
OAK Q4A J . -4.85 -19.27 22.00
CBJ Q4A J . -5.72 -20.30 21.52
CAF Q4A J . -6.83 -17.94 22.35
C6 Q4A J . -8.74 -16.56 22.91
NAM Q4A J . -9.51 -17.65 22.98
CAV Q4A J . -10.93 -17.60 23.38
CBA Q4A J . -11.84 -17.76 22.17
CAZ Q4A J . -13.30 -17.84 22.59
CAW Q4A J . -11.20 -18.74 24.36
CAX Q4A J . -12.69 -18.81 24.72
NAY Q4A J . -13.49 -18.99 23.50
CBB Q4A J . -14.91 -19.10 23.89
CBC Q4A J . -15.74 -19.85 22.83
CBD Q4A J . -16.48 -19.13 21.90
CBE Q4A J . -17.27 -19.79 20.96
CBF Q4A J . -17.32 -21.19 20.98
CBG Q4A J . -16.58 -21.91 21.90
CBH Q4A J . -15.80 -21.23 22.84
ZN ZN K . 11.00 9.92 9.96
ZN ZN L . 13.38 8.72 7.52
ZN ZN M . 14.40 11.02 10.35
ZN ZN N . 8.20 -26.32 23.86
#